data_4HC8
#
_entry.id   4HC8
#
_cell.length_a   154.883
_cell.length_b   154.883
_cell.length_c   154.883
_cell.angle_alpha   90.000
_cell.angle_beta   90.000
_cell.angle_gamma   90.000
#
_symmetry.space_group_name_H-M   'I 2 3'
#
loop_
_entity.id
_entity.type
_entity.pdbx_description
1 polymer 'Enoyl-CoA hydratase/isomerase family protein'
2 non-polymer 'SULFATE ION'
3 non-polymer 1,2-ETHANEDIOL
4 water water
#
_entity_poly.entity_id   1
_entity_poly.type   'polypeptide(L)'
_entity_poly.pdbx_seq_one_letter_code
;(MSE)V(MSE)SDPVSYTRKDSIAVIS(MSE)DDGKVNALGPA(MSE)QQALNAAIDNADRDDVGALVITGNGRVFSGGF
DLKILTSGEVQPAID(MSE)LRGGFELAYRLLSYPKPVV(MSE)ACTGHAIA(MSE)GAFLLSCGDHRVAAHAYNIQANE
VAIG(MSE)TIPYAALEI(MSE)KLRLTRSAYQQATGLAKTFFGETALAAGFIDEIALPEVVVSRAEEAAREFAGLNQHA
HAATKLRSRADALTAIRAGIDGIAAEFGLAENLYFQSHHHHHHWSHPQFEK
;
_entity_poly.pdbx_strand_id   A,B
#
loop_
_chem_comp.id
_chem_comp.type
_chem_comp.name
_chem_comp.formula
EDO non-polymer 1,2-ETHANEDIOL 'C2 H6 O2'
SO4 non-polymer 'SULFATE ION' 'O4 S -2'
#
# COMPACT_ATOMS: atom_id res chain seq x y z
N ASP A 5 -12.89 -23.11 -8.57
CA ASP A 5 -12.58 -22.30 -9.80
C ASP A 5 -11.72 -21.05 -9.49
N PRO A 6 -10.39 -21.17 -9.62
CA PRO A 6 -9.48 -20.06 -9.25
C PRO A 6 -9.48 -18.82 -10.16
N VAL A 7 -10.27 -18.80 -11.23
CA VAL A 7 -10.17 -17.72 -12.21
C VAL A 7 -11.51 -17.32 -12.78
N SER A 8 -11.79 -16.03 -12.80
CA SER A 8 -13.02 -15.51 -13.39
C SER A 8 -12.71 -14.88 -14.73
N TYR A 9 -13.63 -15.01 -15.67
CA TYR A 9 -13.58 -14.29 -16.92
C TYR A 9 -14.80 -13.41 -16.95
N THR A 10 -14.65 -12.18 -17.42
CA THR A 10 -15.77 -11.23 -17.50
C THR A 10 -15.58 -10.31 -18.71
N ARG A 11 -16.54 -10.33 -19.63
CA ARG A 11 -16.53 -9.40 -20.76
C ARG A 11 -17.06 -8.04 -20.28
N LYS A 12 -16.53 -6.94 -20.79
CA LYS A 12 -17.05 -5.61 -20.45
C LYS A 12 -16.93 -4.64 -21.62
N ASP A 13 -17.88 -4.71 -22.56
CA ASP A 13 -17.80 -4.02 -23.87
C ASP A 13 -16.59 -4.48 -24.69
N SER A 14 -15.72 -3.54 -25.08
CA SER A 14 -14.50 -3.77 -25.90
C SER A 14 -13.33 -4.53 -25.22
N ILE A 15 -13.45 -4.81 -23.92
CA ILE A 15 -12.40 -5.55 -23.21
C ILE A 15 -12.95 -6.76 -22.49
N ALA A 16 -12.03 -7.56 -21.97
CA ALA A 16 -12.33 -8.61 -21.02
C ALA A 16 -11.40 -8.50 -19.80
N VAL A 17 -11.87 -8.99 -18.66
CA VAL A 17 -11.08 -9.01 -17.44
C VAL A 17 -10.90 -10.44 -16.98
N ILE A 18 -9.66 -10.79 -16.65
CA ILE A 18 -9.38 -12.09 -16.07
C ILE A 18 -8.83 -11.89 -14.67
N SER A 19 -9.53 -12.44 -13.68
CA SER A 19 -9.14 -12.31 -12.29
C SER A 19 -8.78 -13.65 -11.68
N MSE A 20 -7.59 -13.69 -11.11
CA MSE A 20 -7.09 -14.85 -10.38
CA MSE A 20 -7.12 -14.85 -10.39
C MSE A 20 -7.43 -14.69 -8.93
O MSE A 20 -7.10 -13.67 -8.30
CB MSE A 20 -5.58 -15.01 -10.44
CB MSE A 20 -5.61 -15.01 -10.55
CG MSE A 20 -5.02 -15.39 -11.80
CG MSE A 20 -5.21 -15.16 -12.00
SE MSE A 20 -3.05 -15.57 -11.69
SE MSE A 20 -3.28 -14.85 -12.17
CE MSE A 20 -2.61 -13.65 -11.43
CE MSE A 20 -2.73 -16.33 -11.00
N ASP A 21 -8.05 -15.69 -8.35
CA ASP A 21 -8.33 -15.70 -6.95
C ASP A 21 -8.55 -17.14 -6.58
N ASP A 22 -7.46 -17.83 -6.24
CA ASP A 22 -7.58 -19.14 -5.59
C ASP A 22 -7.89 -18.75 -4.17
N GLY A 23 -7.71 -19.62 -3.21
CA GLY A 23 -7.98 -19.18 -1.84
C GLY A 23 -6.96 -18.22 -1.27
N LYS A 24 -5.75 -18.27 -1.80
CA LYS A 24 -4.59 -17.76 -1.08
C LYS A 24 -3.73 -16.80 -1.92
N VAL A 25 -2.73 -17.36 -2.61
CA VAL A 25 -1.61 -16.62 -3.13
C VAL A 25 -1.51 -16.74 -4.66
N ASN A 26 -2.62 -17.11 -5.29
CA ASN A 26 -2.68 -17.25 -6.75
C ASN A 26 -1.51 -18.05 -7.33
N ALA A 27 -1.19 -19.12 -6.64
CA ALA A 27 -0.12 -20.01 -7.03
C ALA A 27 -0.39 -20.56 -8.41
N LEU A 28 0.68 -20.67 -9.19
CA LEU A 28 0.57 -20.91 -10.63
C LEU A 28 0.79 -22.39 -10.93
N GLY A 29 -0.04 -23.22 -10.29
CA GLY A 29 0.05 -24.66 -10.41
C GLY A 29 -0.69 -25.10 -11.63
N PRO A 30 -0.78 -26.43 -11.84
CA PRO A 30 -1.38 -26.91 -13.09
C PRO A 30 -2.83 -26.46 -13.21
N ALA A 31 -3.56 -26.56 -12.11
CA ALA A 31 -4.97 -26.17 -12.11
C ALA A 31 -5.17 -24.70 -12.45
N MSE A 32 -4.30 -23.84 -11.90
CA MSE A 32 -4.42 -22.37 -12.14
C MSE A 32 -4.08 -22.08 -13.59
O MSE A 32 -4.74 -21.28 -14.26
CB MSE A 32 -3.54 -21.57 -11.13
CG MSE A 32 -3.38 -20.09 -11.44
SE MSE A 32 -5.06 -19.13 -11.17
CE MSE A 32 -4.64 -18.98 -9.26
N GLN A 33 -3.05 -22.78 -14.09
CA GLN A 33 -2.60 -22.60 -15.46
C GLN A 33 -3.66 -22.92 -16.49
N GLN A 34 -4.38 -23.98 -16.21
CA GLN A 34 -5.43 -24.44 -17.10
C GLN A 34 -6.55 -23.43 -17.15
N ALA A 35 -6.95 -22.98 -15.97
CA ALA A 35 -8.05 -22.03 -15.88
C ALA A 35 -7.71 -20.76 -16.65
N LEU A 36 -6.52 -20.25 -16.42
CA LEU A 36 -6.10 -19.06 -17.13
C LEU A 36 -6.07 -19.27 -18.63
N ASN A 37 -5.61 -20.44 -19.05
CA ASN A 37 -5.56 -20.70 -20.49
C ASN A 37 -6.97 -20.71 -21.08
N ALA A 38 -7.90 -21.28 -20.30
CA ALA A 38 -9.32 -21.37 -20.71
C ALA A 38 -9.92 -20.00 -20.79
N ALA A 39 -9.51 -19.16 -19.83
CA ALA A 39 -10.04 -17.81 -19.77
C ALA A 39 -9.50 -17.01 -20.95
N ILE A 40 -8.26 -17.24 -21.35
CA ILE A 40 -7.74 -16.56 -22.52
C ILE A 40 -8.42 -17.09 -23.79
N ASP A 41 -8.74 -18.39 -23.81
CA ASP A 41 -9.46 -18.98 -24.98
C ASP A 41 -10.78 -18.25 -25.18
N ASN A 42 -11.45 -17.94 -24.07
CA ASN A 42 -12.69 -17.15 -24.16
C ASN A 42 -12.48 -15.82 -24.84
N ALA A 43 -11.38 -15.18 -24.49
CA ALA A 43 -11.04 -13.87 -25.03
C ALA A 43 -10.75 -13.98 -26.51
N ASP A 44 -10.07 -15.07 -26.86
CA ASP A 44 -9.82 -15.38 -28.27
C ASP A 44 -11.16 -15.43 -28.98
N ARG A 45 -12.02 -16.33 -28.51
CA ARG A 45 -13.38 -16.48 -29.07
C ARG A 45 -14.17 -15.18 -29.08
N ASP A 46 -14.14 -14.44 -27.99
CA ASP A 46 -14.88 -13.18 -27.97
C ASP A 46 -14.21 -12.08 -28.80
N ASP A 47 -12.99 -12.29 -29.31
CA ASP A 47 -12.31 -11.30 -30.20
C ASP A 47 -12.22 -9.91 -29.55
N VAL A 48 -11.81 -9.89 -28.29
CA VAL A 48 -11.80 -8.65 -27.52
C VAL A 48 -10.77 -7.62 -28.04
N GLY A 49 -11.05 -6.33 -27.88
CA GLY A 49 -10.08 -5.30 -28.23
C GLY A 49 -8.86 -5.17 -27.27
N ALA A 50 -9.00 -5.62 -26.02
CA ALA A 50 -7.95 -5.63 -25.00
C ALA A 50 -8.26 -6.60 -23.85
N LEU A 51 -7.19 -7.09 -23.22
CA LEU A 51 -7.29 -8.04 -22.12
C LEU A 51 -6.71 -7.41 -20.82
N VAL A 52 -7.35 -7.62 -19.67
CA VAL A 52 -6.84 -7.15 -18.38
C VAL A 52 -6.67 -8.36 -17.49
N ILE A 53 -5.56 -8.47 -16.78
CA ILE A 53 -5.35 -9.62 -15.90
C ILE A 53 -5.05 -9.08 -14.52
N THR A 54 -5.70 -9.64 -13.50
CA THR A 54 -5.64 -9.10 -12.16
C THR A 54 -5.42 -10.26 -11.25
N GLY A 55 -4.89 -9.98 -10.08
CA GLY A 55 -4.82 -10.95 -9.00
C GLY A 55 -5.99 -10.72 -8.06
N ASN A 56 -5.77 -10.99 -6.78
CA ASN A 56 -6.80 -10.81 -5.77
C ASN A 56 -6.32 -9.72 -4.79
N GLY A 57 -6.89 -9.63 -3.59
CA GLY A 57 -6.63 -8.48 -2.71
C GLY A 57 -5.39 -8.60 -1.86
N ARG A 58 -4.70 -9.71 -2.00
CA ARG A 58 -3.52 -10.03 -1.19
C ARG A 58 -2.26 -10.10 -2.10
N VAL A 59 -2.43 -10.56 -3.35
CA VAL A 59 -1.32 -10.76 -4.29
C VAL A 59 -1.69 -10.56 -5.74
N PHE A 60 -0.68 -10.36 -6.58
CA PHE A 60 -0.84 -10.68 -7.99
C PHE A 60 -0.70 -12.21 -8.13
N SER A 61 0.45 -12.74 -7.72
CA SER A 61 0.69 -14.17 -7.57
C SER A 61 2.00 -14.42 -6.89
N GLY A 62 2.03 -15.37 -5.96
CA GLY A 62 3.30 -15.77 -5.31
C GLY A 62 4.16 -16.62 -6.22
N GLY A 63 3.65 -16.97 -7.40
CA GLY A 63 4.45 -17.75 -8.34
C GLY A 63 4.11 -19.23 -8.32
N PHE A 64 5.05 -20.07 -8.75
CA PHE A 64 4.81 -21.50 -8.81
C PHE A 64 4.50 -22.05 -7.42
N ASP A 65 3.74 -23.15 -7.39
CA ASP A 65 3.49 -23.91 -6.17
C ASP A 65 4.81 -24.49 -5.68
N LEU A 66 5.23 -24.05 -4.50
CA LEU A 66 6.53 -24.41 -3.92
C LEU A 66 6.70 -25.92 -3.75
N LYS A 67 5.66 -26.57 -3.21
CA LYS A 67 5.74 -28.00 -2.85
C LYS A 67 5.81 -28.96 -4.04
N ILE A 68 5.21 -28.59 -5.17
CA ILE A 68 5.32 -29.39 -6.41
C ILE A 68 6.77 -29.37 -6.91
N LEU A 69 7.52 -28.34 -6.50
CA LEU A 69 8.98 -28.32 -6.72
C LEU A 69 9.75 -29.11 -5.63
N THR A 70 9.30 -29.05 -4.37
CA THR A 70 9.91 -29.81 -3.26
C THR A 70 9.77 -31.33 -3.39
N SER A 71 8.58 -31.81 -3.77
CA SER A 71 8.20 -33.23 -3.65
C SER A 71 9.07 -34.29 -4.38
N GLY A 72 10.11 -33.88 -5.11
CA GLY A 72 11.04 -34.82 -5.74
C GLY A 72 10.52 -35.49 -7.01
N GLU A 73 9.22 -35.39 -7.30
CA GLU A 73 8.63 -36.01 -8.50
C GLU A 73 8.78 -35.06 -9.70
N VAL A 74 9.79 -35.32 -10.53
CA VAL A 74 10.29 -34.32 -11.48
C VAL A 74 9.30 -33.97 -12.59
N GLN A 75 8.80 -34.98 -13.28
CA GLN A 75 7.96 -34.77 -14.46
C GLN A 75 6.86 -33.72 -14.26
N PRO A 76 6.09 -33.80 -13.17
CA PRO A 76 5.05 -32.80 -13.00
C PRO A 76 5.59 -31.38 -12.68
N ALA A 77 6.77 -31.30 -12.04
CA ALA A 77 7.47 -30.01 -11.83
C ALA A 77 7.93 -29.34 -13.12
N ILE A 78 8.40 -30.16 -14.05
CA ILE A 78 8.79 -29.71 -15.36
C ILE A 78 7.58 -29.25 -16.12
N ASP A 79 6.47 -29.99 -16.04
CA ASP A 79 5.27 -29.64 -16.80
C ASP A 79 4.69 -28.33 -16.32
N MSE A 80 4.82 -28.08 -15.02
CA MSE A 80 4.37 -26.84 -14.40
C MSE A 80 5.24 -25.67 -14.84
O MSE A 80 4.71 -24.66 -15.32
CB MSE A 80 4.42 -27.01 -12.88
CG MSE A 80 3.79 -25.80 -12.20
SE MSE A 80 3.98 -25.96 -10.24
CE MSE A 80 5.93 -26.10 -10.14
N LEU A 81 6.55 -25.79 -14.71
CA LEU A 81 7.45 -24.76 -15.24
C LEU A 81 7.16 -24.50 -16.72
N ARG A 82 7.28 -25.55 -17.51
CA ARG A 82 7.02 -25.43 -18.94
C ARG A 82 5.71 -24.69 -19.16
N GLY A 83 4.67 -25.08 -18.44
CA GLY A 83 3.37 -24.50 -18.66
C GLY A 83 3.29 -23.03 -18.26
N GLY A 84 3.95 -22.69 -17.16
CA GLY A 84 4.06 -21.32 -16.71
C GLY A 84 4.71 -20.40 -17.73
N PHE A 85 5.81 -20.86 -18.31
CA PHE A 85 6.51 -20.08 -19.30
C PHE A 85 5.79 -20.06 -20.64
N GLU A 86 5.04 -21.11 -20.99
CA GLU A 86 4.21 -21.10 -22.23
C GLU A 86 3.13 -20.04 -22.11
N LEU A 87 2.55 -19.97 -20.91
CA LEU A 87 1.52 -19.02 -20.63
C LEU A 87 2.05 -17.58 -20.73
N ALA A 88 3.26 -17.39 -20.22
CA ALA A 88 3.97 -16.12 -20.32
C ALA A 88 4.17 -15.76 -21.78
N TYR A 89 4.62 -16.75 -22.55
CA TYR A 89 4.86 -16.57 -23.98
C TYR A 89 3.57 -16.19 -24.65
N ARG A 90 2.50 -16.84 -24.24
CA ARG A 90 1.23 -16.65 -24.93
C ARG A 90 0.75 -15.19 -24.76
N LEU A 91 1.01 -14.61 -23.58
CA LEU A 91 0.60 -13.25 -23.28
C LEU A 91 1.55 -12.24 -23.87
N LEU A 92 2.83 -12.57 -23.81
CA LEU A 92 3.83 -11.70 -24.42
C LEU A 92 3.71 -11.52 -25.95
N SER A 93 3.13 -12.51 -26.66
CA SER A 93 2.85 -12.41 -28.12
C SER A 93 1.38 -12.18 -28.45
N TYR A 94 0.53 -12.03 -27.44
CA TYR A 94 -0.87 -11.85 -27.69
C TYR A 94 -1.18 -10.72 -28.71
N PRO A 95 -2.09 -10.96 -29.66
CA PRO A 95 -2.35 -9.90 -30.66
C PRO A 95 -3.14 -8.70 -30.18
N LYS A 96 -3.69 -8.78 -28.97
CA LYS A 96 -4.37 -7.62 -28.38
C LYS A 96 -3.55 -7.00 -27.22
N PRO A 97 -3.71 -5.70 -26.98
CA PRO A 97 -3.02 -5.16 -25.82
C PRO A 97 -3.44 -5.90 -24.54
N VAL A 98 -2.46 -6.15 -23.68
CA VAL A 98 -2.67 -6.87 -22.45
C VAL A 98 -2.25 -5.97 -21.29
N VAL A 99 -3.18 -5.74 -20.36
CA VAL A 99 -2.93 -4.86 -19.26
C VAL A 99 -2.98 -5.60 -17.94
N MSE A 100 -1.85 -5.58 -17.23
CA MSE A 100 -1.73 -6.28 -15.97
CA MSE A 100 -1.73 -6.28 -15.96
C MSE A 100 -2.13 -5.37 -14.84
O MSE A 100 -1.58 -4.27 -14.69
CB MSE A 100 -0.29 -6.76 -15.82
CB MSE A 100 -0.28 -6.72 -15.82
CG MSE A 100 0.18 -7.57 -17.01
CG MSE A 100 0.17 -7.64 -16.94
SE MSE A 100 -1.08 -9.04 -17.36
SE MSE A 100 -0.46 -9.46 -16.55
CE MSE A 100 0.14 -10.20 -18.39
CE MSE A 100 0.77 -10.30 -17.82
N ALA A 101 -3.09 -5.80 -14.03
CA ALA A 101 -3.48 -5.06 -12.82
C ALA A 101 -2.86 -5.78 -11.65
N CYS A 102 -1.74 -5.25 -11.17
CA CYS A 102 -0.97 -5.91 -10.12
C CYS A 102 -1.54 -5.46 -8.75
N THR A 103 -2.30 -6.36 -8.11
CA THR A 103 -3.19 -6.08 -6.98
C THR A 103 -2.61 -6.53 -5.67
N GLY A 104 -1.41 -7.09 -5.74
CA GLY A 104 -0.57 -7.29 -4.57
C GLY A 104 0.82 -7.62 -5.04
N HIS A 105 1.59 -8.28 -4.16
CA HIS A 105 2.92 -8.75 -4.50
C HIS A 105 2.91 -9.68 -5.70
N ALA A 106 4.08 -9.77 -6.32
CA ALA A 106 4.31 -10.56 -7.51
C ALA A 106 5.72 -11.08 -7.39
N ILE A 107 5.86 -12.38 -7.14
CA ILE A 107 7.10 -13.02 -6.73
C ILE A 107 7.42 -14.12 -7.74
N ALA A 108 8.67 -14.16 -8.20
CA ALA A 108 9.12 -15.21 -9.07
C ALA A 108 8.14 -15.35 -10.24
N MSE A 109 7.55 -16.52 -10.46
CA MSE A 109 6.69 -16.73 -11.65
C MSE A 109 5.67 -15.67 -11.72
O MSE A 109 5.24 -15.32 -12.81
CB MSE A 109 6.06 -18.11 -11.75
CG MSE A 109 5.37 -18.36 -13.12
SE MSE A 109 6.61 -18.42 -14.66
CE MSE A 109 5.56 -17.07 -15.61
N GLY A 110 5.26 -15.11 -10.57
CA GLY A 110 4.31 -13.99 -10.55
C GLY A 110 4.85 -12.74 -11.21
N ALA A 111 6.08 -12.37 -10.86
CA ALA A 111 6.76 -11.24 -11.51
C ALA A 111 6.98 -11.50 -13.01
N PHE A 112 7.37 -12.72 -13.35
CA PHE A 112 7.64 -13.05 -14.76
C PHE A 112 6.33 -12.93 -15.53
N LEU A 113 5.25 -13.45 -14.98
CA LEU A 113 3.97 -13.30 -15.64
C LEU A 113 3.63 -11.81 -15.82
N LEU A 114 3.80 -11.03 -14.73
CA LEU A 114 3.57 -9.56 -14.76
C LEU A 114 4.35 -8.92 -15.89
N SER A 115 5.60 -9.33 -16.09
CA SER A 115 6.45 -8.67 -17.05
C SER A 115 6.04 -8.99 -18.48
N CYS A 116 4.99 -9.79 -18.68
CA CYS A 116 4.54 -10.10 -20.02
C CYS A 116 3.41 -9.21 -20.48
N GLY A 117 3.06 -8.21 -19.67
CA GLY A 117 2.04 -7.25 -20.04
C GLY A 117 2.54 -6.09 -20.88
N ASP A 118 1.70 -5.60 -21.79
CA ASP A 118 1.97 -4.35 -22.47
C ASP A 118 2.08 -3.12 -21.53
N HIS A 119 1.26 -3.12 -20.49
CA HIS A 119 1.20 -2.03 -19.54
C HIS A 119 0.84 -2.67 -18.22
N ARG A 120 1.55 -2.26 -17.17
CA ARG A 120 1.55 -2.93 -15.88
C ARG A 120 1.33 -1.88 -14.75
N VAL A 121 0.21 -2.01 -14.04
CA VAL A 121 -0.23 -1.06 -13.05
C VAL A 121 -0.13 -1.70 -11.68
N ALA A 122 0.43 -0.97 -10.72
CA ALA A 122 0.54 -1.45 -9.36
C ALA A 122 0.51 -0.32 -8.33
N ALA A 123 0.59 -0.67 -7.05
CA ALA A 123 0.61 0.31 -5.98
C ALA A 123 2.02 0.37 -5.39
N HIS A 124 2.30 1.45 -4.66
CA HIS A 124 3.61 1.65 -4.06
C HIS A 124 4.05 0.51 -3.16
N ALA A 125 3.11 -0.10 -2.45
CA ALA A 125 3.43 -1.07 -1.38
C ALA A 125 3.78 -2.47 -1.87
N TYR A 126 3.50 -2.76 -3.14
CA TYR A 126 3.57 -4.13 -3.64
C TYR A 126 4.96 -4.47 -4.14
N ASN A 127 5.50 -5.52 -3.55
CA ASN A 127 6.81 -6.08 -3.85
C ASN A 127 6.83 -6.88 -5.16
N ILE A 128 7.84 -6.64 -5.97
CA ILE A 128 7.99 -7.32 -7.22
C ILE A 128 9.40 -7.82 -7.17
N GLN A 129 9.56 -9.13 -7.27
CA GLN A 129 10.83 -9.75 -6.88
C GLN A 129 11.02 -11.14 -7.44
N ALA A 130 12.17 -11.34 -8.04
CA ALA A 130 12.65 -12.66 -8.39
C ALA A 130 13.41 -13.14 -7.17
N ASN A 131 12.74 -13.91 -6.31
CA ASN A 131 13.35 -14.30 -5.02
C ASN A 131 14.19 -15.58 -5.08
N GLU A 132 14.36 -16.11 -6.26
CA GLU A 132 15.07 -17.35 -6.47
C GLU A 132 16.38 -17.44 -5.70
N VAL A 133 17.28 -16.47 -5.85
CA VAL A 133 18.58 -16.59 -5.19
C VAL A 133 18.46 -16.55 -3.68
N ALA A 134 17.48 -15.82 -3.17
CA ALA A 134 17.26 -15.76 -1.73
C ALA A 134 16.77 -17.08 -1.13
N ILE A 135 16.15 -17.95 -1.93
CA ILE A 135 15.65 -19.22 -1.44
C ILE A 135 16.43 -20.40 -2.00
N GLY A 136 17.56 -20.13 -2.67
CA GLY A 136 18.49 -21.18 -3.12
C GLY A 136 18.43 -21.67 -4.56
N MSE A 137 17.61 -21.05 -5.40
CA MSE A 137 17.49 -21.43 -6.81
C MSE A 137 18.15 -20.46 -7.76
O MSE A 137 18.23 -19.28 -7.47
CB MSE A 137 16.02 -21.44 -7.21
CG MSE A 137 15.47 -22.85 -6.96
SE MSE A 137 13.56 -22.76 -6.50
CE MSE A 137 13.63 -24.03 -4.99
N THR A 138 18.65 -20.98 -8.87
CA THR A 138 19.10 -20.22 -10.01
C THR A 138 17.89 -19.90 -10.87
N ILE A 139 17.88 -18.77 -11.54
CA ILE A 139 16.72 -18.37 -12.34
C ILE A 139 16.81 -19.07 -13.70
N PRO A 140 15.72 -19.70 -14.15
CA PRO A 140 15.83 -20.30 -15.45
C PRO A 140 15.89 -19.29 -16.55
N TYR A 141 16.43 -19.73 -17.68
CA TYR A 141 16.75 -18.85 -18.78
C TYR A 141 15.55 -18.14 -19.34
N ALA A 142 14.39 -18.79 -19.31
CA ALA A 142 13.20 -18.17 -19.88
C ALA A 142 12.79 -16.93 -19.06
N ALA A 143 12.88 -17.03 -17.72
CA ALA A 143 12.59 -15.87 -16.86
C ALA A 143 13.63 -14.74 -17.07
N LEU A 144 14.89 -15.12 -17.25
CA LEU A 144 15.93 -14.15 -17.56
C LEU A 144 15.61 -13.36 -18.81
N GLU A 145 15.07 -14.01 -19.83
CA GLU A 145 14.78 -13.30 -21.08
C GLU A 145 13.59 -12.39 -20.96
N ILE A 146 12.60 -12.81 -20.19
CA ILE A 146 11.48 -11.98 -19.84
C ILE A 146 11.95 -10.71 -19.10
N MSE A 147 12.74 -10.88 -18.06
CA MSE A 147 13.22 -9.74 -17.28
C MSE A 147 14.09 -8.86 -18.10
O MSE A 147 13.90 -7.65 -18.07
CB MSE A 147 13.95 -10.20 -16.04
CG MSE A 147 12.89 -10.74 -15.06
SE MSE A 147 13.81 -11.13 -13.36
CE MSE A 147 14.68 -12.80 -13.75
N LYS A 148 15.01 -9.46 -18.87
CA LYS A 148 16.00 -8.72 -19.67
C LYS A 148 15.31 -7.79 -20.70
N LEU A 149 14.09 -8.14 -21.04
CA LEU A 149 13.30 -7.38 -21.97
C LEU A 149 12.59 -6.14 -21.34
N ARG A 150 12.42 -6.08 -20.01
CA ARG A 150 11.76 -4.93 -19.39
C ARG A 150 12.66 -4.12 -18.44
N LEU A 151 13.56 -4.81 -17.76
CA LEU A 151 14.40 -4.18 -16.75
C LEU A 151 15.52 -3.39 -17.36
N THR A 152 15.85 -2.27 -16.72
CA THR A 152 17.02 -1.53 -17.14
C THR A 152 18.21 -2.44 -16.97
N ARG A 153 19.34 -2.08 -17.57
CA ARG A 153 20.54 -2.89 -17.45
C ARG A 153 20.98 -3.06 -16.02
N SER A 154 20.94 -2.00 -15.22
CA SER A 154 21.42 -2.13 -13.81
C SER A 154 20.40 -2.74 -12.89
N ALA A 155 19.12 -2.47 -13.10
CA ALA A 155 18.10 -3.15 -12.28
C ALA A 155 18.11 -4.68 -12.56
N TYR A 156 18.41 -5.04 -13.81
CA TYR A 156 18.41 -6.44 -14.22
C TYR A 156 19.45 -7.19 -13.44
N GLN A 157 20.64 -6.60 -13.31
CA GLN A 157 21.72 -7.24 -12.54
C GLN A 157 21.31 -7.52 -11.10
N GLN A 158 20.62 -6.58 -10.47
CA GLN A 158 20.28 -6.73 -9.05
C GLN A 158 19.04 -7.57 -8.81
N ALA A 159 18.12 -7.53 -9.75
CA ALA A 159 16.90 -8.33 -9.65
C ALA A 159 17.23 -9.82 -9.67
N THR A 160 18.28 -10.14 -10.42
CA THR A 160 18.69 -11.52 -10.63
C THR A 160 19.66 -12.03 -9.56
N GLY A 161 20.93 -11.68 -9.66
CA GLY A 161 21.95 -12.25 -8.78
C GLY A 161 21.79 -11.85 -7.32
N LEU A 162 21.09 -10.76 -7.09
CA LEU A 162 20.81 -10.31 -5.74
C LEU A 162 19.36 -10.43 -5.31
N ALA A 163 18.45 -10.86 -6.17
CA ALA A 163 17.06 -11.00 -5.73
C ALA A 163 16.58 -9.72 -5.11
N LYS A 164 16.87 -8.61 -5.74
CA LYS A 164 16.46 -7.35 -5.21
C LYS A 164 14.94 -7.24 -5.19
N THR A 165 14.44 -6.58 -4.18
CA THR A 165 13.01 -6.40 -4.04
C THR A 165 12.71 -4.99 -4.56
N PHE A 166 11.64 -4.85 -5.35
CA PHE A 166 11.31 -3.59 -5.99
C PHE A 166 9.88 -3.21 -5.65
N PHE A 167 9.66 -1.93 -5.36
CA PHE A 167 8.41 -1.38 -4.83
C PHE A 167 8.17 -0.05 -5.50
N GLY A 168 6.95 0.20 -5.95
CA GLY A 168 6.58 1.58 -6.31
C GLY A 168 7.54 2.28 -7.25
N GLU A 169 8.09 3.41 -6.83
CA GLU A 169 8.89 4.24 -7.74
C GLU A 169 10.16 3.51 -8.19
N THR A 170 10.70 2.63 -7.35
CA THR A 170 11.92 1.94 -7.71
C THR A 170 11.59 0.81 -8.71
N ALA A 171 10.43 0.22 -8.60
CA ALA A 171 9.92 -0.70 -9.62
C ALA A 171 9.65 0.01 -10.97
N LEU A 172 9.06 1.20 -10.93
CA LEU A 172 8.80 1.93 -12.16
C LEU A 172 10.15 2.32 -12.83
N ALA A 173 11.01 3.01 -12.11
CA ALA A 173 12.36 3.30 -12.60
C ALA A 173 13.11 2.05 -13.09
N ALA A 174 12.92 0.92 -12.41
CA ALA A 174 13.56 -0.35 -12.85
C ALA A 174 12.93 -0.98 -14.09
N GLY A 175 11.67 -0.70 -14.36
CA GLY A 175 10.97 -1.25 -15.54
C GLY A 175 10.34 -2.61 -15.28
N PHE A 176 9.99 -2.79 -14.02
CA PHE A 176 9.03 -3.79 -13.60
C PHE A 176 7.58 -3.36 -13.68
N ILE A 177 7.29 -2.05 -13.58
CA ILE A 177 5.93 -1.60 -13.79
C ILE A 177 5.98 -0.38 -14.67
N ASP A 178 4.83 0.01 -15.19
CA ASP A 178 4.75 1.15 -16.06
C ASP A 178 3.99 2.28 -15.39
N GLU A 179 3.26 1.97 -14.31
CA GLU A 179 2.36 2.94 -13.72
C GLU A 179 2.03 2.60 -12.28
N ILE A 180 2.02 3.62 -11.44
CA ILE A 180 1.65 3.45 -10.07
C ILE A 180 0.24 3.98 -9.84
N ALA A 181 -0.49 3.29 -8.98
CA ALA A 181 -1.79 3.77 -8.54
C ALA A 181 -2.02 3.39 -7.11
N LEU A 182 -2.97 4.10 -6.50
CA LEU A 182 -3.55 3.70 -5.21
C LEU A 182 -4.20 2.33 -5.29
N PRO A 183 -4.11 1.53 -4.22
CA PRO A 183 -4.58 0.13 -4.29
C PRO A 183 -6.01 -0.04 -4.81
N GLU A 184 -6.93 0.79 -4.34
CA GLU A 184 -8.34 0.64 -4.76
C GLU A 184 -8.64 1.15 -6.19
N VAL A 185 -7.62 1.65 -6.87
CA VAL A 185 -7.76 2.17 -8.23
C VAL A 185 -7.04 1.29 -9.26
N VAL A 186 -6.20 0.38 -8.79
CA VAL A 186 -5.35 -0.38 -9.67
C VAL A 186 -6.16 -1.06 -10.78
N VAL A 187 -7.13 -1.89 -10.39
CA VAL A 187 -7.99 -2.59 -11.36
C VAL A 187 -8.76 -1.61 -12.25
N SER A 188 -9.45 -0.67 -11.60
CA SER A 188 -10.21 0.37 -12.30
CA SER A 188 -10.20 0.38 -12.27
C SER A 188 -9.36 1.05 -13.37
N ARG A 189 -8.13 1.42 -13.02
CA ARG A 189 -7.22 2.11 -13.91
C ARG A 189 -6.69 1.20 -15.03
N ALA A 190 -6.40 -0.05 -14.69
CA ALA A 190 -6.03 -1.06 -15.69
C ALA A 190 -7.11 -1.19 -16.76
N GLU A 191 -8.37 -1.17 -16.32
CA GLU A 191 -9.49 -1.28 -17.23
C GLU A 191 -9.61 -0.05 -18.11
N GLU A 192 -9.49 1.13 -17.54
CA GLU A 192 -9.54 2.35 -18.36
C GLU A 192 -8.42 2.34 -19.43
N ALA A 193 -7.21 1.95 -19.02
CA ALA A 193 -6.06 1.92 -19.93
C ALA A 193 -6.26 0.87 -21.02
N ALA A 194 -6.76 -0.31 -20.64
CA ALA A 194 -7.20 -1.32 -21.63
C ALA A 194 -8.19 -0.76 -22.70
N ARG A 195 -9.19 -0.01 -22.29
CA ARG A 195 -10.14 0.56 -23.26
C ARG A 195 -9.47 1.54 -24.22
N GLU A 196 -8.49 2.30 -23.72
CA GLU A 196 -7.80 3.24 -24.58
C GLU A 196 -6.89 2.48 -25.53
N PHE A 197 -6.28 1.39 -25.06
CA PHE A 197 -5.40 0.61 -25.95
C PHE A 197 -6.23 -0.12 -27.02
N ALA A 198 -7.46 -0.53 -26.70
CA ALA A 198 -8.39 -1.12 -27.70
C ALA A 198 -8.67 -0.16 -28.87
N GLY A 199 -8.68 1.15 -28.59
CA GLY A 199 -8.69 2.19 -29.62
C GLY A 199 -7.49 2.26 -30.57
N LEU A 200 -6.37 1.64 -30.23
CA LEU A 200 -5.24 1.59 -31.16
C LEU A 200 -5.60 0.60 -32.26
N ASN A 201 -4.95 0.75 -33.41
CA ASN A 201 -5.04 -0.20 -34.49
C ASN A 201 -4.53 -1.61 -34.16
N GLN A 202 -5.44 -2.58 -34.19
CA GLN A 202 -5.14 -3.91 -33.72
C GLN A 202 -4.06 -4.61 -34.52
N HIS A 203 -4.06 -4.46 -35.84
CA HIS A 203 -3.12 -5.23 -36.64
CA HIS A 203 -3.12 -5.17 -36.70
C HIS A 203 -1.73 -4.61 -36.54
N ALA A 204 -1.66 -3.28 -36.60
CA ALA A 204 -0.40 -2.54 -36.42
C ALA A 204 0.20 -2.77 -35.01
N HIS A 205 -0.68 -2.74 -34.01
CA HIS A 205 -0.28 -3.09 -32.66
C HIS A 205 0.29 -4.50 -32.60
N ALA A 206 -0.41 -5.47 -33.21
CA ALA A 206 0.02 -6.88 -33.15
C ALA A 206 1.31 -7.11 -33.87
N ALA A 207 1.48 -6.47 -35.01
CA ALA A 207 2.70 -6.59 -35.78
C ALA A 207 3.90 -5.93 -35.07
N THR A 208 3.68 -4.71 -34.60
CA THR A 208 4.73 -3.90 -33.91
C THR A 208 5.21 -4.57 -32.60
N LYS A 209 4.25 -5.01 -31.82
CA LYS A 209 4.46 -5.82 -30.64
C LYS A 209 5.54 -6.91 -30.88
N LEU A 210 5.31 -7.74 -31.89
CA LEU A 210 6.16 -8.88 -32.23
C LEU A 210 7.53 -8.44 -32.73
N ARG A 211 7.56 -7.46 -33.62
CA ARG A 211 8.84 -6.82 -33.96
C ARG A 211 9.58 -6.26 -32.73
N SER A 212 8.88 -5.63 -31.78
CA SER A 212 9.57 -5.01 -30.63
C SER A 212 10.19 -6.06 -29.66
N ARG A 213 9.75 -7.32 -29.79
CA ARG A 213 10.10 -8.42 -28.92
C ARG A 213 10.62 -9.65 -29.68
N ALA A 214 10.94 -9.49 -30.97
CA ALA A 214 11.37 -10.63 -31.84
C ALA A 214 12.41 -11.58 -31.20
N ASP A 215 13.58 -11.05 -30.86
CA ASP A 215 14.67 -11.87 -30.32
C ASP A 215 14.30 -12.52 -28.98
N ALA A 216 13.68 -11.75 -28.10
CA ALA A 216 13.27 -12.24 -26.81
C ALA A 216 12.26 -13.40 -26.97
N LEU A 217 11.31 -13.32 -27.90
CA LEU A 217 10.38 -14.47 -28.07
C LEU A 217 11.13 -15.71 -28.55
N THR A 218 12.06 -15.51 -29.47
CA THR A 218 12.89 -16.60 -29.92
C THR A 218 13.61 -17.19 -28.72
N ALA A 219 14.26 -16.36 -27.93
CA ALA A 219 15.05 -16.89 -26.83
C ALA A 219 14.15 -17.50 -25.74
N ILE A 220 12.91 -17.03 -25.63
CA ILE A 220 11.96 -17.61 -24.67
C ILE A 220 11.44 -18.97 -25.16
N ARG A 221 11.10 -19.06 -26.44
CA ARG A 221 10.73 -20.36 -26.97
CA ARG A 221 10.80 -20.33 -27.15
C ARG A 221 11.91 -21.33 -26.77
N ALA A 222 13.15 -20.84 -26.77
CA ALA A 222 14.28 -21.74 -26.47
C ALA A 222 14.36 -22.09 -25.00
N GLY A 223 13.89 -21.20 -24.14
CA GLY A 223 13.94 -21.48 -22.71
C GLY A 223 12.84 -22.45 -22.29
N ILE A 224 11.72 -22.41 -22.98
CA ILE A 224 10.65 -23.35 -22.75
C ILE A 224 11.13 -24.75 -23.15
N ASP A 225 11.64 -24.86 -24.36
CA ASP A 225 12.11 -26.13 -24.90
C ASP A 225 13.26 -26.70 -24.11
N GLY A 226 14.03 -25.85 -23.46
CA GLY A 226 15.19 -26.33 -22.72
C GLY A 226 14.96 -26.46 -21.23
N ILE A 227 13.75 -26.20 -20.77
CA ILE A 227 13.51 -26.20 -19.32
C ILE A 227 13.79 -27.58 -18.66
N ALA A 228 13.25 -28.66 -19.21
CA ALA A 228 13.59 -30.01 -18.74
C ALA A 228 15.11 -30.23 -18.65
N ALA A 229 15.82 -29.94 -19.72
CA ALA A 229 17.27 -30.15 -19.77
C ALA A 229 18.01 -29.27 -18.76
N GLU A 230 17.52 -28.05 -18.65
CA GLU A 230 18.11 -27.08 -17.75
C GLU A 230 18.08 -27.62 -16.33
N PHE A 231 16.96 -28.24 -15.97
CA PHE A 231 16.75 -28.88 -14.67
C PHE A 231 17.71 -30.06 -14.47
N GLY A 232 18.01 -30.78 -15.57
CA GLY A 232 18.95 -31.90 -15.56
C GLY A 232 20.40 -31.51 -15.38
N LEU A 233 20.83 -30.45 -16.07
CA LEU A 233 22.16 -29.85 -15.81
C LEU A 233 22.37 -29.55 -14.35
N ALA A 234 21.40 -28.87 -13.75
CA ALA A 234 21.43 -28.56 -12.32
C ALA A 234 21.62 -29.84 -11.49
N GLU A 235 20.70 -30.79 -11.66
CA GLU A 235 20.72 -32.07 -10.94
C GLU A 235 22.14 -32.67 -10.97
N ASN A 236 22.67 -32.86 -12.18
CA ASN A 236 24.01 -33.44 -12.38
C ASN A 236 25.14 -32.66 -11.75
N LEU A 237 25.02 -31.35 -11.88
CA LEU A 237 26.07 -30.43 -11.55
C LEU A 237 26.17 -30.28 -10.03
N TYR A 238 25.03 -30.33 -9.33
CA TYR A 238 25.09 -30.58 -7.89
C TYR A 238 25.82 -31.92 -7.59
N PHE A 239 25.27 -33.03 -8.10
CA PHE A 239 25.81 -34.42 -7.94
C PHE A 239 27.35 -34.51 -8.06
N GLN A 240 27.96 -33.57 -8.79
CA GLN A 240 29.43 -33.42 -8.84
C GLN A 240 29.96 -32.63 -7.63
N SER B 4 -14.62 -6.28 24.70
CA SER B 4 -13.30 -5.85 24.14
C SER B 4 -12.98 -4.41 24.56
N ASP B 5 -11.70 -4.16 24.84
CA ASP B 5 -11.21 -2.81 25.03
C ASP B 5 -10.68 -2.26 23.72
N PRO B 6 -10.86 -0.95 23.48
CA PRO B 6 -10.39 -0.38 22.22
C PRO B 6 -8.86 -0.21 22.16
N VAL B 7 -8.25 0.19 23.27
CA VAL B 7 -6.84 0.54 23.36
C VAL B 7 -6.03 -0.48 24.14
N SER B 8 -4.74 -0.59 23.83
CA SER B 8 -3.82 -1.39 24.62
C SER B 8 -2.51 -0.64 24.83
N TYR B 9 -1.76 -1.04 25.86
CA TYR B 9 -0.59 -0.30 26.36
C TYR B 9 0.50 -1.30 26.54
N THR B 10 1.68 -1.03 26.00
CA THR B 10 2.81 -1.94 26.14
C THR B 10 4.06 -1.13 26.36
N ARG B 11 4.64 -1.27 27.54
CA ARG B 11 5.89 -0.65 27.84
C ARG B 11 6.93 -1.53 27.18
N LYS B 12 7.93 -0.91 26.56
CA LYS B 12 9.04 -1.61 25.87
C LYS B 12 10.31 -0.78 26.05
N ASP B 13 11.02 -0.96 27.16
CA ASP B 13 12.30 -0.27 27.36
C ASP B 13 12.05 1.19 27.72
N SER B 14 12.74 2.03 26.94
CA SER B 14 12.55 3.46 26.91
C SER B 14 11.22 3.99 26.38
N ILE B 15 10.35 3.16 25.81
CA ILE B 15 9.15 3.67 25.17
C ILE B 15 7.92 2.93 25.59
N ALA B 16 6.78 3.52 25.25
CA ALA B 16 5.49 2.87 25.40
C ALA B 16 4.71 3.01 24.10
N VAL B 17 4.17 1.89 23.64
CA VAL B 17 3.35 1.83 22.47
C VAL B 17 1.90 1.74 22.92
N ILE B 18 1.08 2.62 22.37
CA ILE B 18 -0.36 2.65 22.60
C ILE B 18 -1.02 2.35 21.27
N SER B 19 -1.83 1.30 21.21
CA SER B 19 -2.44 0.88 19.96
C SER B 19 -3.94 0.97 20.06
N MSE B 20 -4.57 1.63 19.08
CA MSE B 20 -6.02 1.73 19.02
CA MSE B 20 -6.02 1.75 19.02
C MSE B 20 -6.55 0.65 18.14
O MSE B 20 -6.11 0.46 17.01
CB MSE B 20 -6.46 3.05 18.39
CB MSE B 20 -6.39 3.12 18.46
CG MSE B 20 -6.09 4.24 19.24
CG MSE B 20 -5.80 4.26 19.28
SE MSE B 20 -6.84 5.85 18.40
SE MSE B 20 -5.83 5.98 18.31
CE MSE B 20 -5.34 6.13 17.13
CE MSE B 20 -7.76 6.14 18.03
N ASP B 21 -7.52 -0.11 18.65
CA ASP B 21 -8.22 -1.07 17.83
C ASP B 21 -9.57 -1.35 18.46
N ASP B 22 -10.56 -0.49 18.19
CA ASP B 22 -11.93 -0.81 18.53
C ASP B 22 -12.37 -1.84 17.52
N GLY B 23 -13.66 -2.08 17.39
CA GLY B 23 -14.05 -2.98 16.31
C GLY B 23 -13.44 -2.63 14.95
N LYS B 24 -13.52 -1.36 14.58
CA LYS B 24 -13.64 -0.99 13.18
C LYS B 24 -12.66 0.11 12.74
N VAL B 25 -13.07 1.38 12.80
CA VAL B 25 -12.22 2.49 12.36
C VAL B 25 -11.75 3.42 13.48
N ASN B 26 -11.57 2.87 14.67
CA ASN B 26 -11.01 3.61 15.78
C ASN B 26 -11.69 4.99 15.99
N ALA B 27 -13.01 5.01 15.86
CA ALA B 27 -13.74 6.24 16.05
C ALA B 27 -13.38 6.84 17.39
N LEU B 28 -13.26 8.16 17.41
CA LEU B 28 -12.91 8.87 18.65
C LEU B 28 -14.15 9.27 19.41
N GLY B 29 -14.93 8.25 19.80
CA GLY B 29 -16.06 8.40 20.69
C GLY B 29 -15.59 8.44 22.13
N PRO B 30 -16.55 8.55 23.08
CA PRO B 30 -16.15 8.78 24.47
C PRO B 30 -15.31 7.61 25.02
N ALA B 31 -15.73 6.37 24.73
CA ALA B 31 -14.99 5.18 25.20
C ALA B 31 -13.54 5.24 24.74
N MSE B 32 -13.34 5.48 23.43
CA MSE B 32 -12.00 5.58 22.82
C MSE B 32 -11.20 6.65 23.51
O MSE B 32 -10.06 6.37 23.89
CB MSE B 32 -11.99 5.87 21.30
CG MSE B 32 -10.61 5.82 20.61
SE MSE B 32 -9.64 4.11 20.76
CE MSE B 32 -10.33 3.13 19.22
N GLN B 33 -11.77 7.85 23.69
CA GLN B 33 -11.01 8.95 24.28
C GLN B 33 -10.54 8.63 25.68
N GLN B 34 -11.39 7.97 26.45
CA GLN B 34 -11.07 7.64 27.81
C GLN B 34 -10.02 6.57 27.81
N ALA B 35 -10.27 5.53 27.03
CA ALA B 35 -9.31 4.47 26.91
C ALA B 35 -7.91 5.01 26.60
N LEU B 36 -7.83 6.06 25.78
CA LEU B 36 -6.58 6.70 25.37
C LEU B 36 -5.92 7.46 26.50
N ASN B 37 -6.70 8.29 27.20
CA ASN B 37 -6.16 9.01 28.35
C ASN B 37 -5.66 8.04 29.41
N ALA B 38 -6.37 6.93 29.59
CA ALA B 38 -5.92 5.89 30.54
C ALA B 38 -4.49 5.48 30.15
N ALA B 39 -4.37 4.98 28.93
CA ALA B 39 -3.05 4.61 28.38
C ALA B 39 -2.01 5.72 28.49
N ILE B 40 -2.35 6.98 28.22
CA ILE B 40 -1.38 8.07 28.43
C ILE B 40 -1.02 8.27 29.91
N ASP B 41 -2.00 8.10 30.80
CA ASP B 41 -1.77 8.17 32.25
C ASP B 41 -0.70 7.15 32.60
N ASN B 42 -0.90 5.92 32.14
CA ASN B 42 0.10 4.86 32.26
C ASN B 42 1.52 5.20 31.82
N ALA B 43 1.63 5.98 30.75
CA ALA B 43 2.91 6.46 30.26
C ALA B 43 3.44 7.56 31.14
N ASP B 44 2.55 8.38 31.66
CA ASP B 44 2.95 9.40 32.63
C ASP B 44 3.50 8.72 33.86
N ARG B 45 2.83 7.64 34.31
CA ARG B 45 3.24 6.95 35.53
CA ARG B 45 3.27 7.00 35.54
C ARG B 45 4.60 6.29 35.30
N ASP B 46 4.69 5.46 34.27
CA ASP B 46 5.96 4.78 33.95
C ASP B 46 7.12 5.74 33.56
N ASP B 47 6.85 7.04 33.43
CA ASP B 47 7.90 8.07 33.13
C ASP B 47 8.72 7.71 31.87
N VAL B 48 8.01 7.45 30.78
CA VAL B 48 8.63 6.89 29.57
C VAL B 48 9.55 7.85 28.80
N GLY B 49 10.52 7.28 28.11
CA GLY B 49 11.36 8.11 27.25
C GLY B 49 10.58 8.72 26.10
N ALA B 50 9.66 7.95 25.52
CA ALA B 50 8.88 8.38 24.35
C ALA B 50 7.60 7.58 24.22
N LEU B 51 6.62 8.18 23.55
CA LEU B 51 5.37 7.47 23.18
C LEU B 51 5.27 7.14 21.69
N VAL B 52 4.72 5.98 21.39
CA VAL B 52 4.29 5.68 20.04
C VAL B 52 2.81 5.50 20.14
N ILE B 53 2.08 6.10 19.20
CA ILE B 53 0.65 5.86 19.09
C ILE B 53 0.35 5.32 17.70
N THR B 54 -0.46 4.25 17.69
CA THR B 54 -0.72 3.37 16.58
C THR B 54 -2.22 3.28 16.35
N GLY B 55 -2.66 2.98 15.13
CA GLY B 55 -4.03 2.55 14.88
C GLY B 55 -4.06 1.04 14.60
N ASN B 56 -5.08 0.58 13.88
CA ASN B 56 -5.16 -0.86 13.55
C ASN B 56 -4.75 -1.05 12.11
N GLY B 57 -5.00 -2.23 11.56
CA GLY B 57 -4.56 -2.55 10.22
C GLY B 57 -5.33 -1.88 9.10
N ARG B 58 -6.40 -1.15 9.44
CA ARG B 58 -7.25 -0.49 8.42
C ARG B 58 -7.18 1.06 8.45
N VAL B 59 -7.00 1.61 9.64
CA VAL B 59 -6.94 3.06 9.80
C VAL B 59 -5.93 3.48 10.83
N PHE B 60 -5.67 4.78 10.89
CA PHE B 60 -5.19 5.37 12.11
C PHE B 60 -6.44 5.64 12.92
N SER B 61 -7.30 6.50 12.38
CA SER B 61 -8.62 6.77 12.92
C SER B 61 -9.46 7.51 11.86
N GLY B 62 -10.74 7.12 11.75
CA GLY B 62 -11.74 7.83 10.91
C GLY B 62 -12.29 9.07 11.59
N GLY B 63 -11.86 9.33 12.81
CA GLY B 63 -12.26 10.54 13.51
C GLY B 63 -13.39 10.34 14.52
N PHE B 64 -14.07 11.42 14.85
CA PHE B 64 -15.13 11.38 15.85
C PHE B 64 -16.18 10.37 15.45
N ASP B 65 -16.80 9.76 16.48
CA ASP B 65 -18.00 8.97 16.29
C ASP B 65 -19.06 9.84 15.58
N LEU B 66 -19.37 9.45 14.36
CA LEU B 66 -20.30 10.22 13.53
C LEU B 66 -21.75 10.08 13.99
N LYS B 67 -22.12 8.86 14.34
CA LYS B 67 -23.41 8.55 14.96
C LYS B 67 -23.71 9.54 16.05
N ILE B 68 -22.76 9.70 16.98
CA ILE B 68 -22.98 10.60 18.10
C ILE B 68 -23.10 12.02 17.62
N LEU B 69 -22.40 12.36 16.55
CA LEU B 69 -22.24 13.76 16.13
C LEU B 69 -23.47 14.28 15.38
N THR B 70 -24.18 13.39 14.70
CA THR B 70 -25.43 13.72 13.98
C THR B 70 -26.73 13.27 14.70
N SER B 71 -26.64 12.42 15.72
CA SER B 71 -27.83 11.90 16.43
C SER B 71 -28.79 12.98 16.94
N GLY B 72 -28.34 14.23 16.99
CA GLY B 72 -29.21 15.35 17.34
C GLY B 72 -29.09 15.76 18.79
N GLU B 73 -28.57 14.88 19.65
CA GLU B 73 -28.35 15.22 21.06
C GLU B 73 -27.19 16.21 21.17
N VAL B 74 -27.49 17.48 21.40
CA VAL B 74 -26.47 18.53 21.40
C VAL B 74 -25.30 18.25 22.38
N GLN B 75 -25.59 17.81 23.61
CA GLN B 75 -24.59 17.84 24.68
C GLN B 75 -23.44 16.83 24.59
N PRO B 76 -23.75 15.52 24.41
CA PRO B 76 -22.65 14.54 24.22
C PRO B 76 -21.71 14.90 23.04
N ALA B 77 -22.29 15.33 21.91
CA ALA B 77 -21.54 15.86 20.75
C ALA B 77 -20.46 16.83 21.22
N ILE B 78 -20.87 17.87 21.95
CA ILE B 78 -19.95 18.85 22.52
C ILE B 78 -18.88 18.23 23.43
N ASP B 79 -19.26 17.25 24.22
CA ASP B 79 -18.32 16.63 25.15
C ASP B 79 -17.33 15.76 24.38
N MSE B 80 -17.80 15.18 23.27
CA MSE B 80 -16.94 14.41 22.39
C MSE B 80 -15.86 15.29 21.84
O MSE B 80 -14.68 14.98 21.94
CB MSE B 80 -17.69 13.81 21.21
CG MSE B 80 -16.87 12.69 20.62
SE MSE B 80 -17.90 11.78 19.24
CE MSE B 80 -18.56 13.42 18.40
N LEU B 81 -16.25 16.44 21.28
CA LEU B 81 -15.29 17.33 20.64
C LEU B 81 -14.29 17.88 21.62
N ARG B 82 -14.78 18.48 22.70
CA ARG B 82 -13.92 19.02 23.76
C ARG B 82 -12.90 17.96 24.21
N GLY B 83 -13.34 16.72 24.35
CA GLY B 83 -12.43 15.64 24.73
C GLY B 83 -11.31 15.42 23.69
N GLY B 84 -11.73 15.21 22.44
CA GLY B 84 -10.83 15.04 21.31
C GLY B 84 -9.82 16.17 21.18
N PHE B 85 -10.27 17.40 21.26
CA PHE B 85 -9.32 18.50 21.17
C PHE B 85 -8.46 18.71 22.42
N GLU B 86 -8.93 18.23 23.57
CA GLU B 86 -8.17 18.34 24.80
C GLU B 86 -7.07 17.34 24.71
N LEU B 87 -7.45 16.14 24.28
CA LEU B 87 -6.52 15.06 24.00
C LEU B 87 -5.40 15.42 23.00
N ALA B 88 -5.76 16.21 22.02
CA ALA B 88 -4.82 16.68 21.06
C ALA B 88 -3.90 17.65 21.73
N TYR B 89 -4.48 18.53 22.57
CA TYR B 89 -3.70 19.46 23.42
C TYR B 89 -2.72 18.68 24.33
N ARG B 90 -3.18 17.59 24.93
CA ARG B 90 -2.32 16.83 25.83
C ARG B 90 -1.08 16.35 25.03
N LEU B 91 -1.31 15.86 23.82
CA LEU B 91 -0.22 15.28 23.02
C LEU B 91 0.65 16.37 22.41
N LEU B 92 0.02 17.43 21.94
CA LEU B 92 0.79 18.53 21.38
C LEU B 92 1.77 19.16 22.39
N SER B 93 1.41 19.13 23.68
CA SER B 93 2.22 19.76 24.74
C SER B 93 3.01 18.72 25.51
N TYR B 94 2.94 17.46 25.10
CA TYR B 94 3.55 16.37 25.83
C TYR B 94 5.06 16.58 26.03
N PRO B 95 5.56 16.24 27.22
CA PRO B 95 6.97 16.56 27.48
C PRO B 95 7.93 15.46 27.05
N LYS B 96 7.40 14.36 26.53
CA LYS B 96 8.23 13.36 25.88
C LYS B 96 7.97 13.36 24.36
N PRO B 97 8.91 12.85 23.55
CA PRO B 97 8.59 12.79 22.13
C PRO B 97 7.43 11.84 21.88
N VAL B 98 6.53 12.25 20.97
CA VAL B 98 5.39 11.48 20.57
C VAL B 98 5.47 11.19 19.06
N VAL B 99 5.63 9.90 18.75
CA VAL B 99 5.66 9.41 17.40
C VAL B 99 4.35 8.70 17.06
N MSE B 100 3.72 9.12 15.97
CA MSE B 100 2.50 8.54 15.45
C MSE B 100 2.81 7.52 14.39
O MSE B 100 3.64 7.76 13.51
CB MSE B 100 1.71 9.64 14.80
CG MSE B 100 1.45 10.81 15.74
SE MSE B 100 0.31 10.28 17.29
CE MSE B 100 -0.12 12.12 17.73
N ALA B 101 2.18 6.36 14.46
CA ALA B 101 2.34 5.31 13.48
C ALA B 101 1.05 5.27 12.79
N CYS B 102 0.96 6.05 11.71
CA CYS B 102 -0.25 6.15 10.96
C CYS B 102 -0.40 4.88 10.12
N THR B 103 -1.15 3.90 10.64
CA THR B 103 -1.25 2.55 10.09
C THR B 103 -2.38 2.37 9.09
N GLY B 104 -3.11 3.45 8.85
CA GLY B 104 -4.09 3.52 7.80
C GLY B 104 -4.55 4.96 7.64
N HIS B 105 -5.76 5.15 7.13
CA HIS B 105 -6.21 6.51 6.84
C HIS B 105 -6.40 7.25 8.14
N ALA B 106 -6.50 8.57 8.01
CA ALA B 106 -6.60 9.45 9.11
C ALA B 106 -7.48 10.56 8.62
N ILE B 107 -8.77 10.43 8.92
CA ILE B 107 -9.78 11.37 8.51
C ILE B 107 -10.20 12.32 9.63
N ALA B 108 -10.29 13.60 9.32
CA ALA B 108 -10.83 14.58 10.25
C ALA B 108 -10.19 14.48 11.63
N MSE B 109 -10.93 14.17 12.70
CA MSE B 109 -10.34 14.18 14.05
C MSE B 109 -9.13 13.29 14.08
O MSE B 109 -8.17 13.59 14.75
CB MSE B 109 -11.32 13.83 15.21
CG MSE B 109 -10.72 14.00 16.64
SE MSE B 109 -10.23 15.86 17.09
CE MSE B 109 -8.36 15.58 17.69
N GLY B 110 -9.17 12.20 13.34
CA GLY B 110 -8.00 11.33 13.16
C GLY B 110 -6.79 12.06 12.61
N ALA B 111 -7.01 12.93 11.62
CA ALA B 111 -5.93 13.72 11.02
C ALA B 111 -5.44 14.78 11.99
N PHE B 112 -6.38 15.37 12.74
CA PHE B 112 -6.02 16.40 13.70
C PHE B 112 -5.17 15.75 14.80
N LEU B 113 -5.54 14.53 15.20
CA LEU B 113 -4.79 13.80 16.21
C LEU B 113 -3.37 13.41 15.71
N LEU B 114 -3.30 12.91 14.48
CA LEU B 114 -2.02 12.70 13.80
C LEU B 114 -1.07 13.89 13.91
N SER B 115 -1.61 15.09 13.69
CA SER B 115 -0.81 16.30 13.59
C SER B 115 -0.27 16.80 14.94
N CYS B 116 -0.58 16.09 16.02
CA CYS B 116 -0.04 16.44 17.32
C CYS B 116 1.23 15.66 17.66
N GLY B 117 1.62 14.74 16.80
CA GLY B 117 2.83 14.02 17.06
C GLY B 117 4.03 14.85 16.70
N ASP B 118 5.14 14.54 17.34
CA ASP B 118 6.40 15.19 16.97
C ASP B 118 6.93 14.61 15.66
N HIS B 119 6.61 13.35 15.40
CA HIS B 119 7.10 12.69 14.22
C HIS B 119 6.00 11.75 13.78
N ARG B 120 5.63 11.86 12.52
CA ARG B 120 4.56 11.08 11.99
C ARG B 120 4.97 10.23 10.74
N VAL B 121 4.72 8.92 10.86
CA VAL B 121 5.17 7.92 9.92
C VAL B 121 3.95 7.31 9.26
N ALA B 122 3.92 7.25 7.93
CA ALA B 122 2.77 6.63 7.25
C ALA B 122 3.22 5.94 5.99
N ALA B 123 2.30 5.28 5.32
CA ALA B 123 2.61 4.56 4.10
C ALA B 123 1.97 5.36 2.98
N HIS B 124 2.47 5.15 1.75
CA HIS B 124 2.00 5.89 0.56
C HIS B 124 0.50 5.95 0.33
N ALA B 125 -0.21 4.89 0.69
CA ALA B 125 -1.62 4.72 0.33
C ALA B 125 -2.63 5.30 1.33
N TYR B 126 -2.18 5.77 2.47
CA TYR B 126 -3.08 6.18 3.50
C TYR B 126 -3.54 7.61 3.28
N ASN B 127 -4.82 7.77 3.05
CA ASN B 127 -5.45 9.08 2.97
C ASN B 127 -5.35 9.81 4.28
N ILE B 128 -4.95 11.06 4.18
CA ILE B 128 -4.95 11.95 5.30
C ILE B 128 -5.74 13.17 4.85
N GLN B 129 -6.84 13.46 5.53
CA GLN B 129 -7.80 14.44 5.02
C GLN B 129 -8.66 15.01 6.11
N ALA B 130 -8.92 16.30 6.02
CA ALA B 130 -10.05 16.91 6.73
C ALA B 130 -11.25 16.97 5.75
N ASN B 131 -12.13 15.97 5.85
CA ASN B 131 -13.28 15.85 4.95
C ASN B 131 -14.48 16.70 5.31
N GLU B 132 -14.40 17.42 6.43
CA GLU B 132 -15.49 18.31 6.90
C GLU B 132 -16.28 18.96 5.77
N VAL B 133 -15.62 19.80 4.99
CA VAL B 133 -16.34 20.61 4.01
C VAL B 133 -17.08 19.75 3.02
N ALA B 134 -16.57 18.54 2.74
CA ALA B 134 -17.24 17.63 1.81
C ALA B 134 -18.48 17.05 2.44
N ILE B 135 -18.53 16.99 3.77
CA ILE B 135 -19.78 16.55 4.46
C ILE B 135 -20.53 17.70 5.15
N GLY B 136 -20.40 18.90 4.62
CA GLY B 136 -21.23 20.02 5.07
C GLY B 136 -20.83 20.72 6.34
N MSE B 137 -19.77 20.25 6.99
CA MSE B 137 -19.33 20.82 8.25
C MSE B 137 -18.23 21.81 8.07
O MSE B 137 -17.30 21.61 7.29
CB MSE B 137 -18.81 19.69 9.08
CG MSE B 137 -19.89 18.62 9.26
SE MSE B 137 -19.21 17.35 10.59
CE MSE B 137 -19.19 18.62 12.12
N THR B 138 -18.36 22.91 8.79
CA THR B 138 -17.37 23.94 8.85
C THR B 138 -16.33 23.48 9.84
N ILE B 139 -15.06 23.78 9.59
CA ILE B 139 -13.96 23.25 10.41
C ILE B 139 -13.84 24.06 11.72
N PRO B 140 -13.90 23.39 12.86
CA PRO B 140 -13.71 24.13 14.13
C PRO B 140 -12.36 24.79 14.25
N TYR B 141 -12.36 26.00 14.79
CA TYR B 141 -11.12 26.74 15.02
C TYR B 141 -9.98 25.90 15.63
N ALA B 142 -10.29 24.96 16.50
CA ALA B 142 -9.22 24.23 17.18
C ALA B 142 -8.52 23.27 16.21
N ALA B 143 -9.26 22.75 15.24
CA ALA B 143 -8.69 21.91 14.20
C ALA B 143 -7.88 22.76 13.24
N LEU B 144 -8.39 23.92 12.85
CA LEU B 144 -7.63 24.82 12.00
C LEU B 144 -6.21 25.10 12.55
N GLU B 145 -6.14 25.33 13.85
CA GLU B 145 -4.92 25.82 14.45
C GLU B 145 -3.92 24.71 14.55
N ILE B 146 -4.41 23.51 14.74
CA ILE B 146 -3.57 22.35 14.67
C ILE B 146 -2.96 22.22 13.25
N MSE B 147 -3.79 22.34 12.24
CA MSE B 147 -3.36 22.18 10.85
C MSE B 147 -2.44 23.31 10.50
O MSE B 147 -1.43 23.09 9.85
CB MSE B 147 -4.56 22.12 9.92
CG MSE B 147 -5.28 20.77 10.06
SE MSE B 147 -6.70 20.63 8.67
CE MSE B 147 -7.94 21.75 9.64
N LYS B 148 -2.74 24.52 10.97
CA LYS B 148 -1.93 25.68 10.61
C LYS B 148 -0.52 25.53 11.17
N LEU B 149 -0.40 24.78 12.25
CA LEU B 149 0.90 24.60 12.86
C LEU B 149 1.88 23.69 12.05
N ARG B 150 1.35 22.83 11.17
CA ARG B 150 2.11 21.77 10.50
C ARG B 150 2.13 21.87 8.96
N LEU B 151 1.03 22.33 8.39
CA LEU B 151 0.82 22.35 6.99
C LEU B 151 1.41 23.56 6.36
N THR B 152 1.96 23.35 5.16
CA THR B 152 2.39 24.41 4.26
CA THR B 152 2.42 24.50 4.38
C THR B 152 1.26 25.45 4.15
N ARG B 153 1.58 26.69 3.87
CA ARG B 153 0.55 27.69 3.60
C ARG B 153 -0.37 27.31 2.48
N SER B 154 0.16 26.88 1.34
CA SER B 154 -0.71 26.46 0.23
C SER B 154 -1.47 25.17 0.53
N ALA B 155 -0.83 24.22 1.19
CA ALA B 155 -1.56 23.00 1.61
C ALA B 155 -2.67 23.30 2.61
N TYR B 156 -2.39 24.22 3.51
CA TYR B 156 -3.36 24.61 4.52
C TYR B 156 -4.63 25.06 3.84
N GLN B 157 -4.47 25.85 2.79
CA GLN B 157 -5.62 26.37 2.08
C GLN B 157 -6.46 25.27 1.48
N GLN B 158 -5.81 24.27 0.89
CA GLN B 158 -6.56 23.31 0.12
C GLN B 158 -7.11 22.28 1.05
N ALA B 159 -6.40 21.98 2.13
CA ALA B 159 -6.86 20.99 3.11
C ALA B 159 -8.17 21.43 3.77
N THR B 160 -8.28 22.73 3.99
CA THR B 160 -9.40 23.28 4.72
C THR B 160 -10.59 23.42 3.77
N GLY B 161 -10.55 24.46 2.95
CA GLY B 161 -11.63 24.78 2.07
C GLY B 161 -11.98 23.76 1.01
N LEU B 162 -10.99 23.01 0.50
CA LEU B 162 -11.27 22.05 -0.58
C LEU B 162 -11.27 20.62 -0.11
N ALA B 163 -11.15 20.42 1.20
CA ALA B 163 -11.15 19.09 1.81
C ALA B 163 -10.19 18.17 1.05
N LYS B 164 -9.05 18.72 0.62
CA LYS B 164 -8.12 17.97 -0.16
C LYS B 164 -7.65 16.73 0.58
N THR B 165 -7.64 15.62 -0.10
CA THR B 165 -7.11 14.41 0.46
C THR B 165 -5.65 14.42 0.09
N PHE B 166 -4.76 13.98 0.99
CA PHE B 166 -3.31 13.94 0.77
C PHE B 166 -2.81 12.51 1.00
N PHE B 167 -1.80 12.07 0.24
CA PHE B 167 -1.30 10.66 0.25
CA PHE B 167 -1.26 10.70 0.36
C PHE B 167 0.24 10.66 0.10
N GLY B 168 0.94 9.84 0.85
CA GLY B 168 2.37 9.63 0.60
C GLY B 168 3.15 10.91 0.43
N GLU B 169 3.76 11.10 -0.74
CA GLU B 169 4.65 12.24 -1.02
C GLU B 169 3.94 13.58 -1.02
N THR B 170 2.69 13.58 -1.45
CA THR B 170 1.85 14.75 -1.35
C THR B 170 1.61 15.10 0.12
N ALA B 171 1.36 14.08 0.94
CA ALA B 171 1.21 14.33 2.36
C ALA B 171 2.50 14.85 2.96
N LEU B 172 3.63 14.36 2.47
CA LEU B 172 4.92 14.73 3.03
C LEU B 172 5.30 16.13 2.59
N ALA B 173 5.10 16.44 1.32
CA ALA B 173 5.41 17.79 0.86
C ALA B 173 4.51 18.79 1.59
N ALA B 174 3.25 18.42 1.84
CA ALA B 174 2.26 19.31 2.52
C ALA B 174 2.47 19.54 4.01
N GLY B 175 3.13 18.62 4.70
CA GLY B 175 3.28 18.76 6.14
C GLY B 175 2.30 17.99 7.01
N PHE B 176 1.58 17.03 6.43
CA PHE B 176 0.74 16.13 7.24
C PHE B 176 1.50 14.92 7.73
N ILE B 177 2.67 14.58 7.16
CA ILE B 177 3.48 13.51 7.69
C ILE B 177 4.96 13.87 7.59
N ASP B 178 5.80 13.16 8.36
CA ASP B 178 7.18 13.47 8.35
C ASP B 178 7.95 12.38 7.67
N GLU B 179 7.35 11.23 7.49
CA GLU B 179 8.08 10.13 6.94
C GLU B 179 7.15 9.08 6.37
N ILE B 180 7.59 8.46 5.28
CA ILE B 180 6.89 7.37 4.62
C ILE B 180 7.65 6.07 4.79
N ALA B 181 6.91 4.99 4.90
CA ALA B 181 7.48 3.67 5.08
C ALA B 181 6.55 2.71 4.44
N LEU B 182 7.02 1.50 4.15
CA LEU B 182 6.11 0.42 3.73
C LEU B 182 5.18 0.04 4.89
N PRO B 183 3.93 -0.34 4.58
CA PRO B 183 2.93 -0.62 5.62
C PRO B 183 3.40 -1.59 6.73
N GLU B 184 4.00 -2.70 6.35
CA GLU B 184 4.39 -3.71 7.33
C GLU B 184 5.54 -3.21 8.21
N VAL B 185 6.05 -2.02 7.91
CA VAL B 185 7.18 -1.46 8.62
C VAL B 185 6.80 -0.10 9.31
N VAL B 186 5.58 0.38 9.16
CA VAL B 186 5.19 1.64 9.77
C VAL B 186 5.37 1.65 11.30
N VAL B 187 4.91 0.58 11.94
CA VAL B 187 4.95 0.45 13.37
C VAL B 187 6.39 0.34 13.84
N SER B 188 7.15 -0.63 13.35
CA SER B 188 8.50 -0.85 13.87
C SER B 188 9.39 0.37 13.61
N ARG B 189 9.12 1.10 12.54
CA ARG B 189 9.91 2.29 12.23
C ARG B 189 9.58 3.46 13.19
N ALA B 190 8.29 3.66 13.46
CA ALA B 190 7.87 4.54 14.58
C ALA B 190 8.59 4.20 15.92
N GLU B 191 8.71 2.92 16.23
CA GLU B 191 9.26 2.49 17.48
C GLU B 191 10.75 2.83 17.52
N GLU B 192 11.47 2.44 16.46
CA GLU B 192 12.88 2.80 16.32
C GLU B 192 13.08 4.32 16.43
N ALA B 193 12.19 5.10 15.81
CA ALA B 193 12.31 6.57 15.86
C ALA B 193 12.09 7.04 17.30
N ALA B 194 11.05 6.53 17.94
CA ALA B 194 10.79 6.83 19.34
C ALA B 194 12.03 6.50 20.20
N ARG B 195 12.65 5.36 19.97
CA ARG B 195 13.91 5.08 20.65
C ARG B 195 14.98 6.12 20.37
N GLU B 196 15.24 6.55 19.13
CA GLU B 196 16.25 7.63 18.91
C GLU B 196 15.82 8.87 19.73
N PHE B 197 14.56 9.26 19.61
CA PHE B 197 14.12 10.53 20.16
C PHE B 197 14.26 10.56 21.69
N ALA B 198 14.06 9.43 22.33
CA ALA B 198 14.29 9.28 23.78
C ALA B 198 15.71 9.59 24.21
N GLY B 199 16.69 9.51 23.30
CA GLY B 199 18.07 9.90 23.61
C GLY B 199 18.24 11.41 23.73
N LEU B 200 17.26 12.16 23.24
CA LEU B 200 17.32 13.62 23.26
C LEU B 200 17.14 14.05 24.70
N ASN B 201 17.81 15.12 25.09
CA ASN B 201 17.62 15.68 26.38
C ASN B 201 16.15 16.05 26.60
N GLN B 202 15.50 15.29 27.49
CA GLN B 202 14.08 15.48 27.77
C GLN B 202 13.70 16.88 28.19
N HIS B 203 14.50 17.52 29.03
CA HIS B 203 14.13 18.85 29.55
C HIS B 203 14.15 19.85 28.41
N ALA B 204 15.28 19.91 27.72
CA ALA B 204 15.46 20.83 26.60
C ALA B 204 14.43 20.57 25.49
N HIS B 205 14.11 19.30 25.28
CA HIS B 205 13.13 18.89 24.30
C HIS B 205 11.78 19.48 24.63
N ALA B 206 11.32 19.24 25.87
CA ALA B 206 10.00 19.73 26.32
C ALA B 206 9.90 21.21 26.35
N ALA B 207 11.02 21.87 26.62
CA ALA B 207 11.01 23.31 26.71
C ALA B 207 10.97 23.91 25.33
N THR B 208 11.85 23.43 24.44
CA THR B 208 11.92 23.93 23.07
C THR B 208 10.60 23.70 22.33
N LYS B 209 10.13 22.48 22.46
CA LYS B 209 8.84 22.06 21.97
C LYS B 209 7.73 23.06 22.28
N LEU B 210 7.61 23.41 23.57
CA LEU B 210 6.59 24.37 24.02
C LEU B 210 6.81 25.75 23.45
N ARG B 211 8.05 26.19 23.36
CA ARG B 211 8.31 27.50 22.71
C ARG B 211 7.97 27.49 21.21
N SER B 212 8.08 26.34 20.55
CA SER B 212 7.84 26.26 19.12
C SER B 212 6.36 26.17 18.81
N ARG B 213 5.56 25.84 19.84
CA ARG B 213 4.10 25.77 19.69
C ARG B 213 3.28 26.71 20.60
N ALA B 214 3.92 27.67 21.25
CA ALA B 214 3.25 28.50 22.27
C ALA B 214 1.98 29.15 21.74
N ASP B 215 2.12 29.98 20.72
CA ASP B 215 0.96 30.71 20.19
C ASP B 215 -0.15 29.77 19.76
N ALA B 216 0.23 28.63 19.21
CA ALA B 216 -0.74 27.69 18.69
C ALA B 216 -1.47 26.98 19.81
N LEU B 217 -0.71 26.55 20.82
CA LEU B 217 -1.32 25.99 22.03
C LEU B 217 -2.32 26.95 22.69
N THR B 218 -1.98 28.25 22.72
CA THR B 218 -2.91 29.31 23.18
C THR B 218 -4.18 29.31 22.33
N ALA B 219 -3.99 29.48 21.02
CA ALA B 219 -5.11 29.49 20.09
C ALA B 219 -5.93 28.19 20.12
N ILE B 220 -5.29 27.05 20.37
CA ILE B 220 -6.05 25.81 20.50
C ILE B 220 -6.85 25.81 21.79
N ARG B 221 -6.29 26.38 22.85
CA ARG B 221 -6.98 26.50 24.14
C ARG B 221 -8.23 27.37 23.99
N ALA B 222 -8.07 28.54 23.39
CA ALA B 222 -9.22 29.37 23.04
C ALA B 222 -10.25 28.57 22.23
N GLY B 223 -9.78 27.73 21.30
CA GLY B 223 -10.69 26.95 20.46
C GLY B 223 -11.48 25.85 21.16
N ILE B 224 -10.90 25.28 22.21
CA ILE B 224 -11.63 24.34 23.09
C ILE B 224 -12.69 25.09 23.88
N ASP B 225 -12.35 26.24 24.44
CA ASP B 225 -13.33 27.07 25.17
C ASP B 225 -14.57 27.35 24.27
N GLY B 226 -14.30 27.64 22.99
CA GLY B 226 -15.35 28.00 22.03
C GLY B 226 -16.16 26.85 21.42
N ILE B 227 -15.85 25.60 21.78
CA ILE B 227 -16.59 24.47 21.19
C ILE B 227 -18.09 24.73 21.29
N ALA B 228 -18.46 25.42 22.37
CA ALA B 228 -19.83 25.79 22.69
C ALA B 228 -20.42 26.64 21.57
N ALA B 229 -19.87 27.83 21.41
CA ALA B 229 -20.27 28.76 20.37
C ALA B 229 -20.33 28.11 18.99
N GLU B 230 -19.36 27.23 18.72
CA GLU B 230 -19.29 26.55 17.44
C GLU B 230 -20.63 25.91 17.11
N PHE B 231 -21.18 25.13 18.04
CA PHE B 231 -22.50 24.50 17.83
C PHE B 231 -23.68 25.46 17.75
N GLY B 232 -23.58 26.63 18.40
CA GLY B 232 -24.58 27.69 18.27
C GLY B 232 -24.95 28.04 16.82
N LEU B 233 -23.99 27.91 15.89
CA LEU B 233 -24.20 28.16 14.44
C LEU B 233 -25.05 27.10 13.70
N ALA B 234 -24.99 25.83 14.12
CA ALA B 234 -25.80 24.74 13.51
C ALA B 234 -27.30 25.01 13.65
S SO4 C . 18.11 0.36 -20.28
O1 SO4 C . 18.34 1.69 -20.88
O2 SO4 C . 16.67 0.11 -20.06
O3 SO4 C . 18.60 -0.65 -21.24
O4 SO4 C . 18.88 0.20 -19.03
S SO4 D . 20.40 -4.41 -24.80
O1 SO4 D . 19.89 -3.23 -25.55
O2 SO4 D . 19.30 -4.99 -23.98
O3 SO4 D . 20.89 -5.44 -25.77
O4 SO4 D . 21.52 -4.01 -23.91
S SO4 E . 5.43 27.00 4.88
O1 SO4 E . 4.26 27.17 3.98
O2 SO4 E . 5.11 26.04 5.98
O3 SO4 E . 6.60 26.50 4.14
O4 SO4 E . 5.80 28.33 5.42
S SO4 F . 3.16 31.65 9.35
O1 SO4 F . 2.52 32.78 8.60
O2 SO4 F . 2.17 31.03 10.26
O3 SO4 F . 3.65 30.64 8.38
O4 SO4 F . 4.30 32.17 10.13
C1 EDO G . -8.23 18.66 -4.04
O1 EDO G . -7.30 19.51 -4.74
C2 EDO G . -8.03 17.19 -4.45
O2 EDO G . -8.23 16.23 -3.39
C1 EDO H . 3.41 2.13 0.79
O1 EDO H . 4.32 2.45 1.86
C2 EDO H . 1.94 2.24 1.23
O2 EDO H . 1.00 2.01 0.23
#